data_3D55
#
_entry.id   3D55
#
_cell.length_a   64.848
_cell.length_b   64.776
_cell.length_c   83.486
_cell.angle_alpha   90.00
_cell.angle_beta   90.00
_cell.angle_gamma   90.00
#
_symmetry.space_group_name_H-M   'P 21 21 21'
#
loop_
_entity.id
_entity.type
_entity.pdbx_description
1 polymer 'Uncharacterized protein Rv3357/MT3465'
2 non-polymer 'SULFATE ION'
3 water water
#
_entity_poly.entity_id   1
_entity_poly.type   'polypeptide(L)'
_entity_poly.pdbx_seq_one_letter_code
;MSISASEARQRLFPLIEQVNTDHQPVRITSRAGDAVLMSADDYDAWQETVYLLRSPENARRLMEAVARDKAGHSAFTKSV
DELREMAGGEE
;
_entity_poly.pdbx_strand_id   A,B,C,D
#
# COMPACT_ATOMS: atom_id res chain seq x y z
N MET A 1 -20.84 -2.85 -13.08
CA MET A 1 -22.18 -3.49 -12.71
C MET A 1 -22.18 -4.13 -11.29
N SER A 2 -23.41 -4.52 -10.90
CA SER A 2 -23.76 -4.90 -9.55
C SER A 2 -24.99 -5.82 -9.63
N ILE A 3 -24.79 -7.12 -9.42
CA ILE A 3 -25.73 -8.18 -9.78
C ILE A 3 -25.79 -9.33 -8.73
N SER A 4 -26.69 -10.30 -8.93
CA SER A 4 -26.76 -11.48 -8.04
C SER A 4 -25.89 -12.59 -8.60
N ALA A 5 -25.48 -13.51 -7.74
CA ALA A 5 -24.79 -14.77 -8.18
C ALA A 5 -25.50 -15.57 -9.25
N SER A 6 -26.81 -15.85 -9.10
CA SER A 6 -27.48 -16.50 -10.25
C SER A 6 -27.46 -15.57 -11.45
N GLU A 7 -27.81 -14.29 -11.27
CA GLU A 7 -27.76 -13.38 -12.42
C GLU A 7 -26.29 -13.45 -12.98
N ALA A 8 -25.31 -13.50 -12.08
CA ALA A 8 -23.88 -13.50 -12.51
C ALA A 8 -23.44 -14.85 -13.12
N ARG A 9 -24.03 -15.95 -12.62
CA ARG A 9 -23.79 -17.23 -13.23
C ARG A 9 -24.29 -17.33 -14.69
N GLN A 10 -25.52 -16.95 -14.96
CA GLN A 10 -25.95 -17.22 -16.32
C GLN A 10 -25.30 -16.21 -17.28
N ARG A 11 -25.11 -14.99 -16.76
CA ARG A 11 -24.51 -13.92 -17.54
C ARG A 11 -22.95 -13.93 -17.56
N LEU A 12 -22.31 -14.97 -17.01
CA LEU A 12 -20.83 -14.92 -16.82
C LEU A 12 -19.97 -14.58 -18.03
N PHE A 13 -20.23 -15.12 -19.22
CA PHE A 13 -19.34 -14.83 -20.41
C PHE A 13 -19.37 -13.34 -20.90
N PRO A 14 -20.58 -12.74 -20.97
CA PRO A 14 -20.61 -11.33 -21.39
C PRO A 14 -19.96 -10.45 -20.31
N LEU A 15 -20.09 -10.85 -19.06
CA LEU A 15 -19.41 -10.20 -17.91
C LEU A 15 -17.94 -10.16 -18.11
N ILE A 16 -17.33 -11.24 -18.57
CA ILE A 16 -15.92 -11.21 -18.92
C ILE A 16 -15.52 -10.33 -20.11
N GLU A 17 -16.37 -10.21 -21.12
CA GLU A 17 -16.04 -9.28 -22.13
C GLU A 17 -16.25 -7.90 -21.47
N GLN A 18 -17.31 -7.75 -20.66
CA GLN A 18 -17.58 -6.37 -20.14
C GLN A 18 -16.39 -5.82 -19.33
N VAL A 19 -15.86 -6.67 -18.47
CA VAL A 19 -14.70 -6.31 -17.62
C VAL A 19 -13.40 -5.97 -18.40
N ASN A 20 -13.10 -6.77 -19.42
CA ASN A 20 -12.02 -6.48 -20.36
C ASN A 20 -12.24 -5.34 -21.27
N THR A 21 -13.42 -4.72 -21.24
CA THR A 21 -13.69 -3.62 -22.11
C THR A 21 -13.86 -2.30 -21.41
N ASP A 22 -14.80 -2.23 -20.44
CA ASP A 22 -15.07 -0.97 -19.70
C ASP A 22 -14.16 -0.90 -18.45
N HIS A 23 -13.36 -1.95 -18.19
CA HIS A 23 -12.43 -1.95 -17.06
C HIS A 23 -12.98 -1.58 -15.67
N GLN A 24 -14.25 -1.87 -15.47
CA GLN A 24 -14.95 -1.53 -14.25
C GLN A 24 -15.22 -2.85 -13.55
N PRO A 25 -15.08 -2.89 -12.23
CA PRO A 25 -15.29 -4.25 -11.70
C PRO A 25 -16.81 -4.60 -11.61
N VAL A 26 -17.15 -5.89 -11.48
CA VAL A 26 -18.55 -6.29 -11.30
C VAL A 26 -18.69 -6.90 -9.94
N ARG A 27 -19.51 -6.27 -9.10
CA ARG A 27 -19.94 -6.76 -7.76
C ARG A 27 -21.07 -7.79 -7.87
N ILE A 28 -20.76 -8.99 -7.39
CA ILE A 28 -21.68 -10.10 -7.39
C ILE A 28 -22.11 -10.34 -5.95
N THR A 29 -23.43 -10.25 -5.74
CA THR A 29 -24.10 -10.55 -4.48
C THR A 29 -24.40 -12.05 -4.33
N SER A 30 -24.34 -12.56 -3.11
CA SER A 30 -24.76 -13.94 -2.83
C SER A 30 -24.76 -14.01 -1.35
N ARG A 31 -25.59 -14.88 -0.78
CA ARG A 31 -25.69 -15.03 0.68
C ARG A 31 -24.44 -15.73 1.24
N ALA A 32 -23.53 -16.11 0.35
CA ALA A 32 -22.32 -16.85 0.68
C ALA A 32 -21.07 -15.91 0.68
N GLY A 33 -21.31 -14.60 0.59
CA GLY A 33 -20.24 -13.62 0.43
C GLY A 33 -20.38 -12.88 -0.91
N ASP A 34 -19.94 -11.62 -0.93
CA ASP A 34 -19.94 -10.86 -2.14
C ASP A 34 -18.59 -11.13 -2.80
N ALA A 35 -18.55 -10.97 -4.12
CA ALA A 35 -17.34 -11.17 -4.85
C ALA A 35 -17.29 -10.06 -5.90
N VAL A 36 -16.09 -9.71 -6.34
CA VAL A 36 -15.86 -8.80 -7.49
C VAL A 36 -15.24 -9.59 -8.69
N LEU A 37 -15.71 -9.34 -9.88
CA LEU A 37 -15.23 -9.94 -11.08
C LEU A 37 -14.53 -8.79 -11.71
N MET A 38 -13.22 -8.88 -11.96
CA MET A 38 -12.53 -7.81 -12.73
C MET A 38 -11.64 -8.36 -13.85
N SER A 39 -11.15 -7.47 -14.73
CA SER A 39 -10.38 -8.03 -15.86
C SER A 39 -9.01 -8.44 -15.34
N ALA A 40 -8.40 -9.44 -15.99
CA ALA A 40 -7.15 -9.93 -15.51
C ALA A 40 -5.95 -9.02 -15.66
N ASP A 41 -5.91 -8.26 -16.77
CA ASP A 41 -5.02 -7.17 -17.03
C ASP A 41 -5.07 -6.07 -15.91
N ASP A 42 -6.30 -5.73 -15.43
CA ASP A 42 -6.44 -4.81 -14.35
C ASP A 42 -5.89 -5.36 -13.10
N TYR A 43 -6.27 -6.61 -12.73
CA TYR A 43 -5.70 -7.17 -11.54
C TYR A 43 -4.13 -7.18 -11.51
N ASP A 44 -3.56 -7.72 -12.60
CA ASP A 44 -2.09 -7.82 -12.77
C ASP A 44 -1.49 -6.47 -12.75
N ALA A 45 -2.01 -5.49 -13.48
CA ALA A 45 -1.37 -4.18 -13.37
C ALA A 45 -1.41 -3.61 -11.95
N TRP A 46 -2.55 -3.83 -11.24
CA TRP A 46 -2.67 -3.31 -9.86
C TRP A 46 -1.65 -3.92 -8.94
N GLN A 47 -1.67 -5.23 -8.88
CA GLN A 47 -0.71 -5.93 -8.05
C GLN A 47 0.73 -5.59 -8.41
N GLU A 48 1.00 -5.45 -9.72
CA GLU A 48 2.45 -5.13 -10.15
C GLU A 48 2.86 -3.73 -9.68
N THR A 49 1.92 -2.82 -9.78
CA THR A 49 2.19 -1.39 -9.39
C THR A 49 2.46 -1.32 -7.91
N VAL A 50 1.64 -2.07 -7.13
CA VAL A 50 1.80 -2.08 -5.74
C VAL A 50 3.19 -2.64 -5.34
N TYR A 51 3.58 -3.75 -6.01
CA TYR A 51 4.90 -4.38 -5.79
C TYR A 51 6.05 -3.40 -6.10
N LEU A 52 5.88 -2.64 -7.18
CA LEU A 52 6.93 -1.67 -7.65
C LEU A 52 7.04 -0.48 -6.69
N LEU A 53 5.89 -0.10 -6.11
CA LEU A 53 5.80 0.91 -5.05
C LEU A 53 6.59 0.62 -3.77
N ARG A 54 7.11 -0.59 -3.61
CA ARG A 54 8.05 -0.86 -2.53
C ARG A 54 9.23 0.15 -2.51
N SER A 55 9.69 0.60 -3.66
CA SER A 55 10.80 1.57 -3.59
C SER A 55 10.27 2.86 -4.07
N PRO A 56 10.53 3.92 -3.34
CA PRO A 56 10.03 5.23 -3.74
C PRO A 56 10.75 5.78 -4.96
N GLU A 57 11.97 5.31 -5.15
CA GLU A 57 12.71 5.81 -6.29
C GLU A 57 12.05 5.30 -7.58
N ASN A 58 11.53 4.07 -7.54
CA ASN A 58 10.72 3.47 -8.61
C ASN A 58 9.58 4.33 -9.05
N ALA A 59 8.88 4.94 -8.08
CA ALA A 59 7.77 5.84 -8.47
C ALA A 59 8.31 7.00 -9.32
N ARG A 60 9.44 7.54 -8.87
CA ARG A 60 10.03 8.68 -9.49
C ARG A 60 10.44 8.28 -10.90
N ARG A 61 10.93 7.05 -11.02
CA ARG A 61 11.30 6.41 -12.31
C ARG A 61 10.07 6.06 -13.16
N LEU A 62 8.99 5.59 -12.54
CA LEU A 62 7.73 5.48 -13.36
C LEU A 62 7.41 6.86 -13.89
N MET A 63 7.32 7.85 -13.00
CA MET A 63 7.00 9.21 -13.41
C MET A 63 7.89 9.84 -14.50
N GLU A 64 9.21 9.81 -14.29
CA GLU A 64 10.14 10.52 -15.21
C GLU A 64 10.01 9.99 -16.64
N ALA A 65 9.69 8.71 -16.70
CA ALA A 65 9.73 7.89 -17.90
C ALA A 65 8.50 8.13 -18.79
N VAL A 66 7.31 8.15 -18.19
CA VAL A 66 6.08 8.45 -18.91
C VAL A 66 6.24 9.83 -19.57
N ALA A 67 6.89 10.74 -18.83
CA ALA A 67 7.11 12.12 -19.30
C ALA A 67 8.21 12.26 -20.39
N ARG A 68 8.81 11.14 -20.83
CA ARG A 68 9.85 11.16 -21.85
C ARG A 68 9.34 11.49 -23.25
N MET B 1 -2.55 -22.45 -12.48
CA MET B 1 -3.68 -22.78 -11.58
C MET B 1 -4.95 -21.99 -11.96
N SER B 2 -5.18 -21.75 -13.26
CA SER B 2 -6.45 -21.09 -13.63
C SER B 2 -7.55 -22.11 -13.93
N ILE B 3 -8.77 -21.60 -14.18
CA ILE B 3 -9.96 -22.38 -14.56
C ILE B 3 -10.70 -21.70 -15.68
N SER B 4 -11.25 -22.51 -16.59
CA SER B 4 -11.91 -22.02 -17.78
C SER B 4 -13.18 -21.29 -17.30
N ALA B 5 -13.62 -20.37 -18.11
CA ALA B 5 -14.88 -19.71 -17.84
C ALA B 5 -16.03 -20.74 -17.73
N SER B 6 -16.08 -21.73 -18.62
CA SER B 6 -17.18 -22.73 -18.58
C SER B 6 -17.14 -23.45 -17.26
N GLU B 7 -15.97 -23.89 -16.83
CA GLU B 7 -15.91 -24.53 -15.52
C GLU B 7 -16.36 -23.54 -14.43
N ALA B 8 -16.02 -22.26 -14.61
CA ALA B 8 -16.35 -21.18 -13.63
C ALA B 8 -17.84 -20.95 -13.54
N ARG B 9 -18.53 -20.98 -14.68
CA ARG B 9 -19.94 -20.57 -14.71
C ARG B 9 -20.71 -21.67 -14.02
N GLN B 10 -20.21 -22.88 -14.23
CA GLN B 10 -20.72 -24.09 -13.61
C GLN B 10 -20.65 -23.99 -12.10
N ARG B 11 -19.41 -23.86 -11.64
CA ARG B 11 -19.04 -23.85 -10.24
C ARG B 11 -19.07 -22.43 -9.56
N LEU B 12 -19.84 -21.47 -10.11
CA LEU B 12 -19.75 -20.07 -9.62
C LEU B 12 -19.95 -19.97 -8.12
N PHE B 13 -21.09 -20.51 -7.68
CA PHE B 13 -21.46 -20.55 -6.26
C PHE B 13 -20.42 -21.07 -5.29
N PRO B 14 -19.92 -22.29 -5.52
CA PRO B 14 -18.75 -22.79 -4.77
C PRO B 14 -17.46 -21.95 -5.01
N LEU B 15 -17.29 -21.39 -6.20
CA LEU B 15 -16.15 -20.46 -6.40
C LEU B 15 -16.32 -19.20 -5.52
N ILE B 16 -17.55 -18.66 -5.45
CA ILE B 16 -17.86 -17.47 -4.62
C ILE B 16 -17.63 -17.66 -3.10
N GLU B 17 -18.12 -18.77 -2.55
CA GLU B 17 -17.97 -19.16 -1.13
C GLU B 17 -16.46 -19.24 -0.84
N GLN B 18 -15.74 -19.74 -1.83
CA GLN B 18 -14.35 -20.15 -1.67
C GLN B 18 -13.41 -18.95 -1.73
N VAL B 19 -13.71 -18.05 -2.66
CA VAL B 19 -13.01 -16.77 -2.70
C VAL B 19 -13.20 -16.00 -1.35
N ASN B 20 -14.32 -16.21 -0.67
CA ASN B 20 -14.60 -15.54 0.59
C ASN B 20 -14.06 -16.35 1.80
N THR B 21 -14.31 -17.66 1.85
CA THR B 21 -13.62 -18.56 2.83
C THR B 21 -12.11 -18.59 2.74
N ASP B 22 -11.50 -18.88 1.61
CA ASP B 22 -10.03 -18.90 1.68
C ASP B 22 -9.38 -17.53 1.32
N HIS B 23 -10.20 -16.60 0.82
CA HIS B 23 -9.71 -15.27 0.40
C HIS B 23 -8.68 -15.23 -0.74
N GLN B 24 -8.45 -16.34 -1.44
CA GLN B 24 -7.51 -16.34 -2.59
C GLN B 24 -8.22 -16.12 -3.94
N PRO B 25 -7.79 -15.11 -4.72
CA PRO B 25 -8.41 -14.78 -6.01
C PRO B 25 -8.29 -15.96 -7.04
N VAL B 26 -9.30 -16.22 -7.86
CA VAL B 26 -9.20 -17.31 -8.87
C VAL B 26 -9.13 -16.71 -10.28
N ARG B 27 -8.32 -17.31 -11.12
CA ARG B 27 -8.03 -16.70 -12.40
C ARG B 27 -8.86 -17.48 -13.40
N ILE B 28 -9.52 -16.76 -14.29
CA ILE B 28 -10.43 -17.34 -15.30
C ILE B 28 -9.97 -16.96 -16.70
N THR B 29 -9.82 -18.00 -17.50
CA THR B 29 -9.23 -17.91 -18.83
C THR B 29 -10.30 -18.28 -19.80
N SER B 30 -10.53 -17.42 -20.76
CA SER B 30 -11.53 -17.72 -21.79
C SER B 30 -11.20 -17.15 -23.16
N ARG B 31 -11.97 -17.61 -24.12
CA ARG B 31 -11.93 -17.19 -25.48
C ARG B 31 -12.52 -15.79 -25.51
N ALA B 32 -13.23 -15.45 -24.44
CA ALA B 32 -13.78 -14.09 -24.30
C ALA B 32 -12.81 -13.12 -23.62
N GLY B 33 -11.63 -13.57 -23.23
CA GLY B 33 -10.76 -12.78 -22.32
C GLY B 33 -10.49 -13.40 -20.97
N ASP B 34 -9.55 -12.81 -20.18
CA ASP B 34 -9.24 -13.38 -18.94
C ASP B 34 -9.82 -12.52 -17.77
N ALA B 35 -10.21 -13.12 -16.64
CA ALA B 35 -10.83 -12.38 -15.48
C ALA B 35 -10.21 -12.89 -14.20
N VAL B 36 -10.47 -12.17 -13.13
CA VAL B 36 -10.11 -12.67 -11.77
C VAL B 36 -11.33 -12.46 -10.97
N LEU B 37 -11.67 -13.44 -10.17
CA LEU B 37 -12.77 -13.37 -9.31
C LEU B 37 -12.13 -13.41 -7.94
N MET B 38 -12.54 -12.53 -7.03
CA MET B 38 -11.98 -12.44 -5.66
C MET B 38 -13.02 -11.95 -4.64
N SER B 39 -12.72 -11.95 -3.33
CA SER B 39 -13.87 -11.51 -2.49
C SER B 39 -14.05 -10.01 -2.64
N ALA B 40 -15.28 -9.56 -2.40
CA ALA B 40 -15.55 -8.12 -2.47
C ALA B 40 -14.70 -7.51 -1.40
N ASP B 41 -14.53 -8.23 -0.33
CA ASP B 41 -13.77 -7.63 0.82
C ASP B 41 -12.27 -7.42 0.51
N ASP B 42 -11.66 -8.37 -0.20
CA ASP B 42 -10.21 -8.22 -0.54
C ASP B 42 -10.16 -6.98 -1.45
N TYR B 43 -11.12 -6.86 -2.36
CA TYR B 43 -11.06 -5.85 -3.40
C TYR B 43 -11.28 -4.46 -2.75
N ASP B 44 -12.34 -4.38 -1.89
CA ASP B 44 -12.59 -3.10 -1.18
C ASP B 44 -11.38 -2.70 -0.30
N ALA B 45 -10.82 -3.65 0.43
CA ALA B 45 -9.71 -3.37 1.25
C ALA B 45 -8.46 -3.00 0.51
N TRP B 46 -8.24 -3.61 -0.69
CA TRP B 46 -7.14 -3.22 -1.53
C TRP B 46 -7.19 -1.78 -1.97
N GLN B 47 -8.30 -1.37 -2.62
CA GLN B 47 -8.59 0.00 -2.99
C GLN B 47 -8.51 0.98 -1.82
N GLU B 48 -9.22 0.69 -0.74
CA GLU B 48 -9.26 1.69 0.39
C GLU B 48 -7.88 1.86 1.06
N THR B 49 -7.21 0.77 1.38
CA THR B 49 -5.85 0.83 2.05
C THR B 49 -4.83 1.56 1.23
N VAL B 50 -4.87 1.39 -0.06
CA VAL B 50 -4.04 2.25 -0.99
C VAL B 50 -4.44 3.67 -1.01
N TYR B 51 -5.76 3.90 -1.01
CA TYR B 51 -6.25 5.30 -0.91
C TYR B 51 -5.72 5.94 0.37
N LEU B 52 -5.80 5.23 1.47
CA LEU B 52 -5.33 5.79 2.77
C LEU B 52 -3.76 6.17 2.73
N LEU B 53 -2.97 5.32 2.03
CA LEU B 53 -1.53 5.63 1.93
C LEU B 53 -1.17 6.80 1.06
N ARG B 54 -2.11 7.37 0.34
CA ARG B 54 -1.97 8.74 -0.21
C ARG B 54 -1.14 9.69 0.63
N SER B 55 -1.23 9.59 1.97
CA SER B 55 -0.34 10.22 2.94
C SER B 55 0.35 9.11 3.61
N PRO B 56 1.69 9.07 3.46
CA PRO B 56 2.46 7.94 3.99
C PRO B 56 2.21 7.91 5.47
N GLU B 57 1.97 9.06 6.06
CA GLU B 57 1.70 9.13 7.51
C GLU B 57 0.42 8.27 7.96
N ASN B 58 -0.53 8.04 7.03
CA ASN B 58 -1.59 7.06 7.37
C ASN B 58 -1.20 5.66 7.69
N ALA B 59 0.02 5.27 7.27
CA ALA B 59 0.41 3.92 7.51
C ALA B 59 0.48 3.69 8.95
N ARG B 60 1.16 4.55 9.69
CA ARG B 60 1.23 4.20 11.09
C ARG B 60 -0.21 4.19 11.75
N ARG B 61 -1.09 5.08 11.35
CA ARG B 61 -2.47 5.21 11.97
C ARG B 61 -3.29 4.03 11.61
N LEU B 62 -3.04 3.42 10.43
CA LEU B 62 -3.69 2.17 10.04
C LEU B 62 -3.18 1.10 10.99
N MET B 63 -1.86 0.90 11.07
CA MET B 63 -1.26 -0.04 12.05
C MET B 63 -1.86 0.12 13.49
N GLU B 64 -1.87 1.32 13.99
CA GLU B 64 -2.40 1.54 15.36
C GLU B 64 -3.90 1.32 15.50
N ALA B 65 -4.70 1.72 14.50
CA ALA B 65 -6.17 1.49 14.53
C ALA B 65 -6.49 0.01 14.56
N VAL B 66 -5.70 -0.78 13.77
CA VAL B 66 -5.91 -2.24 13.67
C VAL B 66 -5.46 -2.89 15.00
N ALA B 67 -4.37 -2.34 15.60
CA ALA B 67 -3.94 -2.74 16.94
C ALA B 67 -5.08 -2.43 17.94
N ARG B 68 -5.70 -1.26 17.81
CA ARG B 68 -6.78 -0.98 18.79
C ARG B 68 -7.95 -1.92 18.54
N ASP B 69 -8.15 -2.33 17.27
CA ASP B 69 -9.21 -3.33 16.94
C ASP B 69 -9.01 -4.71 17.57
N LYS B 70 -7.76 -5.15 17.59
CA LYS B 70 -7.47 -6.44 18.08
C LYS B 70 -7.44 -6.41 19.57
N ALA B 71 -7.16 -5.22 20.15
CA ALA B 71 -7.12 -5.13 21.59
C ALA B 71 -8.52 -5.47 22.17
N GLY B 72 -9.57 -4.75 21.80
CA GLY B 72 -10.96 -5.12 22.17
C GLY B 72 -11.66 -3.86 22.74
N HIS B 73 -12.91 -3.99 23.19
CA HIS B 73 -13.59 -2.77 23.68
C HIS B 73 -13.00 -2.48 25.06
N SER B 74 -12.75 -3.59 25.76
CA SER B 74 -11.93 -3.71 26.95
C SER B 74 -10.79 -2.68 27.19
N ALA B 75 -9.96 -2.42 26.18
CA ALA B 75 -8.81 -1.53 26.39
C ALA B 75 -9.31 -0.08 26.57
N PHE B 76 -10.32 0.25 25.78
CA PHE B 76 -10.98 1.56 25.82
C PHE B 76 -11.48 1.96 27.22
N THR B 77 -12.36 1.13 27.78
CA THR B 77 -13.02 1.33 29.10
C THR B 77 -12.01 1.56 30.23
N LYS B 78 -10.85 0.93 30.09
CA LYS B 78 -9.81 1.05 31.11
C LYS B 78 -9.10 2.42 31.02
N SER B 79 -8.79 2.84 29.77
CA SER B 79 -8.43 4.21 29.39
C SER B 79 -9.38 5.27 30.00
N VAL B 80 -10.66 5.24 29.60
CA VAL B 80 -11.77 5.98 30.24
C VAL B 80 -11.60 6.03 31.77
N ASP B 81 -11.50 4.86 32.40
CA ASP B 81 -11.27 4.80 33.86
C ASP B 81 -10.02 5.57 34.36
N GLU B 82 -8.87 5.47 33.73
CA GLU B 82 -7.77 6.21 34.31
C GLU B 82 -8.13 7.67 34.23
N LEU B 83 -8.05 8.36 35.36
CA LEU B 83 -8.82 9.60 35.59
C LEU B 83 -8.17 10.88 36.17
N ARG B 84 -9.01 11.92 36.23
CA ARG B 84 -8.63 13.32 36.28
C ARG B 84 -7.91 13.70 37.55
N MET C 1 24.73 6.24 5.90
N MET C 1 22.21 5.41 4.86
CA MET C 1 23.30 5.89 5.96
CA MET C 1 23.14 5.23 6.03
C MET C 1 22.62 5.83 7.34
C MET C 1 22.56 5.71 7.37
N SER C 2 23.39 5.82 8.41
CA SER C 2 22.85 6.22 9.75
C SER C 2 23.78 7.10 10.52
N ILE C 3 23.26 8.20 11.02
CA ILE C 3 24.12 9.07 11.80
C ILE C 3 23.38 9.94 12.82
N SER C 4 24.11 10.29 13.88
CA SER C 4 23.59 11.11 14.96
C SER C 4 23.06 12.40 14.40
N ALA C 5 21.98 12.90 15.00
CA ALA C 5 21.51 14.24 14.67
C ALA C 5 22.70 15.20 14.76
N SER C 6 23.62 14.91 15.68
CA SER C 6 24.80 15.77 15.85
C SER C 6 25.71 15.75 14.65
N GLU C 7 26.08 14.57 14.19
CA GLU C 7 26.87 14.56 12.96
C GLU C 7 26.07 15.10 11.75
N ALA C 8 24.73 14.90 11.72
CA ALA C 8 23.96 15.37 10.58
C ALA C 8 23.78 16.89 10.53
N ARG C 9 23.56 17.54 11.67
CA ARG C 9 23.50 18.98 11.64
C ARG C 9 24.77 19.60 10.97
N GLN C 10 25.92 18.98 11.07
CA GLN C 10 27.11 19.59 10.39
C GLN C 10 27.11 19.40 8.85
N ARG C 11 26.63 18.21 8.51
CA ARG C 11 26.77 17.55 7.25
C ARG C 11 25.50 17.46 6.34
N LEU C 12 24.63 18.44 6.45
CA LEU C 12 23.34 18.44 5.72
C LEU C 12 23.46 18.57 4.27
N PHE C 13 24.25 19.56 3.82
CA PHE C 13 24.56 19.64 2.39
C PHE C 13 25.01 18.28 1.83
N PRO C 14 26.12 17.71 2.29
CA PRO C 14 26.46 16.42 1.59
C PRO C 14 25.42 15.24 1.75
N LEU C 15 24.68 15.25 2.84
CA LEU C 15 23.60 14.18 3.09
C LEU C 15 22.49 14.35 2.07
N ILE C 16 22.11 15.61 1.80
CA ILE C 16 21.13 15.87 0.80
C ILE C 16 21.67 15.56 -0.61
N GLU C 17 22.93 15.93 -0.97
CA GLU C 17 23.51 15.45 -2.31
C GLU C 17 23.34 13.86 -2.25
N GLN C 18 23.69 13.24 -1.14
CA GLN C 18 23.73 11.83 -1.03
C GLN C 18 22.37 11.11 -1.40
N VAL C 19 21.30 11.58 -0.74
CA VAL C 19 19.94 10.96 -0.85
C VAL C 19 19.46 11.24 -2.29
N ASN C 20 19.85 12.37 -2.87
CA ASN C 20 19.46 12.61 -4.21
C ASN C 20 20.25 11.87 -5.35
N THR C 21 21.35 11.25 -4.97
CA THR C 21 22.22 10.49 -5.89
C THR C 21 22.01 8.98 -5.79
N ASP C 22 22.18 8.39 -4.59
CA ASP C 22 22.07 6.96 -4.38
C ASP C 22 20.63 6.58 -3.93
N HIS C 23 19.81 7.60 -3.63
CA HIS C 23 18.39 7.40 -3.54
C HIS C 23 18.10 6.49 -2.42
N GLN C 24 19.05 6.45 -1.46
N GLN C 24 19.04 6.42 -1.48
CA GLN C 24 18.97 5.61 -0.27
CA GLN C 24 18.87 5.60 -0.33
C GLN C 24 18.63 6.52 0.93
C GLN C 24 18.53 6.56 0.81
N PRO C 25 17.56 6.17 1.67
CA PRO C 25 17.22 7.04 2.85
C PRO C 25 18.28 7.08 3.89
N VAL C 26 18.42 8.18 4.61
CA VAL C 26 19.39 8.25 5.70
C VAL C 26 18.67 8.27 7.05
N ARG C 27 18.97 7.32 7.93
CA ARG C 27 18.53 7.34 9.33
C ARG C 27 19.36 8.28 10.21
N ILE C 28 18.70 9.35 10.72
CA ILE C 28 19.23 10.26 11.73
C ILE C 28 18.71 10.00 13.15
N THR C 29 19.60 9.52 14.04
CA THR C 29 19.21 9.13 15.40
C THR C 29 19.37 10.27 16.43
N SER C 30 18.69 10.15 17.55
CA SER C 30 18.49 11.30 18.43
C SER C 30 17.78 10.79 19.66
N ARG C 31 18.05 11.48 20.77
CA ARG C 31 17.60 11.15 22.12
C ARG C 31 16.13 11.32 22.17
N ALA C 32 15.63 12.37 21.54
CA ALA C 32 14.21 12.58 21.33
C ALA C 32 13.66 11.90 20.07
N GLY C 33 14.29 10.80 19.65
CA GLY C 33 13.72 9.97 18.58
C GLY C 33 14.48 10.01 17.26
N ASP C 34 14.12 9.10 16.37
CA ASP C 34 14.86 8.90 15.14
C ASP C 34 14.08 9.47 13.97
N ALA C 35 14.81 9.85 12.93
CA ALA C 35 14.23 10.41 11.72
C ALA C 35 14.88 9.80 10.43
N VAL C 36 14.18 9.91 9.33
CA VAL C 36 14.63 9.49 8.05
C VAL C 36 14.63 10.73 7.17
N LEU C 37 15.77 10.98 6.49
CA LEU C 37 15.95 11.94 5.37
C LEU C 37 15.96 11.22 4.01
N MET C 38 15.19 11.72 3.07
CA MET C 38 15.10 11.13 1.80
C MET C 38 14.95 12.14 0.76
N SER C 39 15.27 11.74 -0.47
CA SER C 39 15.09 12.46 -1.65
C SER C 39 13.65 12.95 -1.80
N ALA C 40 13.52 14.24 -2.16
CA ALA C 40 12.22 14.87 -2.01
C ALA C 40 11.47 14.63 -3.24
N ASP C 41 12.23 14.51 -4.36
CA ASP C 41 11.65 13.97 -5.59
C ASP C 41 11.03 12.53 -5.54
N ASP C 42 11.78 11.60 -5.04
CA ASP C 42 11.34 10.27 -4.75
C ASP C 42 10.04 10.25 -3.89
N TYR C 43 10.06 10.98 -2.77
CA TYR C 43 8.92 11.04 -1.87
C TYR C 43 7.72 11.60 -2.63
N ASP C 44 7.93 12.66 -3.38
CA ASP C 44 6.83 13.31 -4.04
C ASP C 44 6.34 12.49 -5.16
N ALA C 45 7.26 11.78 -5.76
CA ALA C 45 6.78 10.99 -6.83
C ALA C 45 5.98 9.86 -6.28
N TRP C 46 6.43 9.32 -5.17
CA TRP C 46 5.73 8.22 -4.58
C TRP C 46 4.27 8.68 -4.24
N GLN C 47 4.11 9.82 -3.56
CA GLN C 47 2.76 10.33 -3.26
C GLN C 47 1.89 10.53 -4.47
N GLU C 48 2.41 11.30 -5.44
CA GLU C 48 1.66 11.61 -6.63
C GLU C 48 1.24 10.33 -7.40
N THR C 49 2.08 9.33 -7.43
CA THR C 49 1.58 8.19 -8.17
C THR C 49 0.48 7.49 -7.42
N VAL C 50 0.57 7.46 -6.08
CA VAL C 50 -0.48 6.78 -5.26
C VAL C 50 -1.70 7.64 -5.39
N TYR C 51 -1.55 8.94 -5.41
CA TYR C 51 -2.70 9.71 -5.81
C TYR C 51 -3.48 9.25 -7.07
N LEU C 52 -2.74 8.84 -8.09
CA LEU C 52 -3.39 8.39 -9.34
C LEU C 52 -4.02 7.03 -9.25
N LEU C 53 -3.61 6.23 -8.25
CA LEU C 53 -4.17 4.85 -8.15
C LEU C 53 -5.51 4.77 -7.43
N ARG C 54 -6.50 5.37 -8.03
CA ARG C 54 -7.82 5.37 -7.44
C ARG C 54 -8.47 4.02 -7.70
N SER C 55 -8.03 3.27 -8.74
CA SER C 55 -8.55 1.93 -9.02
C SER C 55 -7.64 1.11 -9.97
N PRO C 56 -7.90 -0.21 -10.03
CA PRO C 56 -7.05 -1.02 -10.96
C PRO C 56 -6.92 -0.49 -12.37
N GLU C 57 -7.96 0.15 -12.85
CA GLU C 57 -7.91 0.68 -14.18
C GLU C 57 -6.83 1.77 -14.35
N ASN C 58 -6.67 2.57 -13.33
CA ASN C 58 -5.53 3.56 -13.30
C ASN C 58 -4.18 2.91 -13.29
N ALA C 59 -4.01 1.82 -12.54
CA ALA C 59 -2.73 1.03 -12.48
C ALA C 59 -2.45 0.48 -13.87
N ARG C 60 -3.52 -0.01 -14.53
CA ARG C 60 -3.44 -0.47 -15.92
C ARG C 60 -3.01 0.68 -16.87
N ARG C 61 -3.68 1.84 -16.81
CA ARG C 61 -3.28 3.07 -17.55
C ARG C 61 -1.83 3.48 -17.33
N LEU C 62 -1.34 3.29 -16.11
CA LEU C 62 0.07 3.54 -15.81
C LEU C 62 1.06 2.59 -16.51
N MET C 63 0.76 1.31 -16.49
CA MET C 63 1.56 0.30 -17.12
C MET C 63 1.63 0.46 -18.64
N GLU C 64 0.52 0.84 -19.23
CA GLU C 64 0.46 1.11 -20.63
C GLU C 64 1.37 2.30 -21.01
N ALA C 65 1.16 3.44 -20.39
CA ALA C 65 2.01 4.57 -20.56
C ALA C 65 3.47 4.18 -20.50
N VAL C 66 3.76 3.25 -19.63
CA VAL C 66 5.11 2.75 -19.47
C VAL C 66 5.51 1.90 -20.70
N ALA C 67 4.54 1.12 -21.21
CA ALA C 67 4.74 0.32 -22.38
C ALA C 67 4.76 1.16 -23.67
N ARG C 68 4.36 2.42 -23.59
CA ARG C 68 4.22 3.23 -24.80
C ARG C 68 5.55 3.31 -25.57
N ASP C 69 6.63 3.73 -24.92
CA ASP C 69 7.85 4.18 -25.64
C ASP C 69 9.12 3.45 -25.19
N LYS C 70 10.27 3.81 -25.77
CA LYS C 70 11.52 3.21 -25.30
C LYS C 70 12.01 3.71 -23.94
N ALA C 71 11.79 4.98 -23.59
CA ALA C 71 12.22 5.40 -22.22
C ALA C 71 11.40 4.75 -21.08
N GLY C 72 10.12 4.46 -21.37
CA GLY C 72 9.29 3.72 -20.41
C GLY C 72 9.88 2.34 -20.19
N HIS C 73 10.07 1.60 -21.29
CA HIS C 73 10.73 0.29 -21.26
C HIS C 73 11.99 0.33 -20.38
N SER C 74 12.89 1.29 -20.64
CA SER C 74 14.13 1.38 -19.84
C SER C 74 13.78 1.45 -18.35
N ALA C 75 13.04 2.51 -17.95
CA ALA C 75 12.76 2.80 -16.54
C ALA C 75 12.13 1.63 -15.78
N PHE C 76 11.20 0.93 -16.45
CA PHE C 76 10.49 -0.31 -15.97
C PHE C 76 11.38 -1.57 -15.93
N THR C 77 12.12 -1.86 -17.00
CA THR C 77 13.07 -2.93 -16.83
C THR C 77 14.07 -2.72 -15.64
N LYS C 78 14.59 -1.51 -15.40
CA LYS C 78 15.55 -1.22 -14.25
C LYS C 78 14.96 -1.42 -12.85
N SER C 79 13.71 -0.98 -12.72
CA SER C 79 12.89 -1.26 -11.53
C SER C 79 12.69 -2.75 -11.24
N VAL C 80 12.32 -3.52 -12.27
CA VAL C 80 12.12 -5.01 -12.11
C VAL C 80 13.46 -5.67 -11.72
N ASP C 81 14.49 -5.31 -12.49
CA ASP C 81 15.88 -5.71 -12.20
C ASP C 81 16.36 -5.36 -10.77
N GLU C 82 16.05 -4.15 -10.29
CA GLU C 82 16.32 -3.78 -8.89
C GLU C 82 15.66 -4.83 -7.97
N LEU C 83 14.34 -4.96 -8.13
CA LEU C 83 13.55 -5.99 -7.45
C LEU C 83 14.16 -7.42 -7.48
N ARG C 84 14.50 -7.89 -8.68
CA ARG C 84 15.08 -9.23 -8.94
C ARG C 84 16.37 -9.49 -8.12
N GLU C 85 17.10 -8.42 -7.82
CA GLU C 85 18.34 -8.46 -7.05
C GLU C 85 18.17 -8.56 -5.53
N MET C 86 16.94 -8.37 -5.04
CA MET C 86 16.70 -8.42 -3.57
C MET C 86 15.63 -9.41 -3.10
N MET D 1 5.35 25.10 3.54
CA MET D 1 5.84 24.83 4.93
C MET D 1 7.26 24.25 4.83
N SER D 2 7.90 24.41 3.66
CA SER D 2 9.32 24.01 3.51
C SER D 2 10.31 25.05 4.01
N ILE D 3 11.36 24.54 4.66
CA ILE D 3 12.42 25.37 5.18
C ILE D 3 13.79 25.18 4.49
N SER D 4 14.67 26.18 4.58
CA SER D 4 16.01 26.02 3.98
C SER D 4 16.86 25.00 4.75
N ALA D 5 17.81 24.34 4.09
CA ALA D 5 18.73 23.55 4.86
C ALA D 5 19.44 24.37 5.92
N SER D 6 19.76 25.62 5.59
CA SER D 6 20.41 26.55 6.57
C SER D 6 19.49 26.75 7.80
N GLU D 7 18.19 26.89 7.59
CA GLU D 7 17.31 26.71 8.76
C GLU D 7 17.38 25.26 9.34
N ALA D 8 17.14 24.25 8.51
CA ALA D 8 17.16 22.88 9.10
C ALA D 8 18.40 22.62 9.98
N ARG D 9 19.59 23.03 9.54
CA ARG D 9 20.81 22.92 10.34
C ARG D 9 20.72 23.49 11.76
N GLN D 10 20.13 24.68 11.89
CA GLN D 10 20.00 25.34 13.17
C GLN D 10 19.12 24.59 14.16
N ARG D 11 17.94 24.19 13.71
CA ARG D 11 16.99 23.57 14.65
C ARG D 11 16.84 22.10 14.28
N LEU D 12 17.96 21.40 14.02
CA LEU D 12 17.82 20.00 13.59
C LEU D 12 17.21 19.17 14.70
N PHE D 13 17.64 19.40 15.95
CA PHE D 13 17.13 18.63 17.09
C PHE D 13 15.62 18.78 17.32
N PRO D 14 15.10 20.03 17.41
CA PRO D 14 13.62 20.24 17.56
C PRO D 14 12.86 19.85 16.29
N LEU D 15 13.53 19.93 15.15
CA LEU D 15 12.88 19.47 13.94
C LEU D 15 12.64 17.93 13.95
N ILE D 16 13.58 17.18 14.46
CA ILE D 16 13.44 15.76 14.51
C ILE D 16 12.31 15.43 15.50
N GLU D 17 12.29 16.21 16.57
CA GLU D 17 11.30 16.03 17.59
C GLU D 17 9.98 16.35 17.05
N GLN D 18 9.80 17.49 16.36
CA GLN D 18 8.55 17.90 15.71
C GLN D 18 7.95 16.78 14.79
N VAL D 19 8.78 16.33 13.84
CA VAL D 19 8.40 15.34 12.82
C VAL D 19 7.77 14.05 13.46
N ASN D 20 8.35 13.63 14.55
CA ASN D 20 7.90 12.52 15.36
C ASN D 20 6.71 12.78 16.28
N THR D 21 6.50 14.05 16.69
CA THR D 21 5.40 14.44 17.60
C THR D 21 4.22 14.64 16.77
N ASP D 22 4.34 15.52 15.78
CA ASP D 22 3.34 15.84 14.76
C ASP D 22 3.04 14.75 13.74
N HIS D 23 3.88 13.74 13.64
CA HIS D 23 3.70 12.75 12.51
C HIS D 23 3.37 13.42 11.19
N GLN D 24 4.06 14.57 10.94
CA GLN D 24 4.02 15.21 9.64
C GLN D 24 5.46 15.36 9.05
N PRO D 25 5.65 15.10 7.73
CA PRO D 25 7.03 15.20 7.26
C PRO D 25 7.40 16.72 7.07
N VAL D 26 8.70 17.04 7.12
CA VAL D 26 9.20 18.38 6.75
C VAL D 26 10.02 18.40 5.46
N ARG D 27 9.66 19.27 4.54
CA ARG D 27 10.37 19.47 3.27
C ARG D 27 11.54 20.46 3.55
N ILE D 28 12.79 20.07 3.22
CA ILE D 28 14.03 20.88 3.34
C ILE D 28 14.48 21.25 1.91
N THR D 29 14.58 22.55 1.59
CA THR D 29 15.15 23.00 0.31
C THR D 29 16.58 23.52 0.59
N SER D 30 17.49 23.34 -0.36
CA SER D 30 18.92 23.59 -0.12
C SER D 30 19.61 23.75 -1.46
N ARG D 31 20.80 24.34 -1.45
CA ARG D 31 21.55 24.49 -2.71
C ARG D 31 21.97 23.08 -3.23
N ALA D 32 22.07 22.13 -2.31
CA ALA D 32 22.35 20.71 -2.62
C ALA D 32 21.16 19.98 -3.16
N GLY D 33 20.05 20.66 -3.45
CA GLY D 33 18.76 19.90 -3.93
C GLY D 33 17.77 19.74 -2.77
N ASP D 34 16.63 19.03 -2.95
CA ASP D 34 15.53 18.92 -1.92
C ASP D 34 15.45 17.50 -1.29
N ALA D 35 15.02 17.44 -0.03
CA ALA D 35 14.93 16.24 0.82
C ALA D 35 13.62 16.35 1.65
N VAL D 36 13.17 15.24 2.23
CA VAL D 36 12.00 15.26 3.16
C VAL D 36 12.49 14.54 4.39
N LEU D 37 12.23 15.14 5.56
CA LEU D 37 12.59 14.56 6.78
C LEU D 37 11.30 13.98 7.45
N MET D 38 11.33 12.71 7.87
CA MET D 38 10.19 12.13 8.51
C MET D 38 10.62 11.28 9.62
N SER D 39 9.76 11.18 10.66
CA SER D 39 9.85 10.21 11.76
C SER D 39 10.34 8.83 11.26
N ALA D 40 11.29 8.16 11.90
CA ALA D 40 11.80 6.92 11.41
C ALA D 40 10.77 5.83 11.56
N ASP D 41 10.15 5.73 12.76
CA ASP D 41 8.95 4.85 13.07
C ASP D 41 7.91 4.97 11.98
N ASP D 42 7.51 6.17 11.63
CA ASP D 42 6.53 6.28 10.52
C ASP D 42 7.00 5.95 9.07
N TYR D 43 8.27 6.20 8.73
CA TYR D 43 8.85 5.80 7.42
C TYR D 43 8.71 4.28 7.41
N ASP D 44 9.16 3.66 8.48
CA ASP D 44 9.10 2.18 8.65
C ASP D 44 7.70 1.54 8.51
N ALA D 45 6.67 2.13 9.17
CA ALA D 45 5.26 1.67 9.01
C ALA D 45 4.88 1.70 7.57
N TRP D 46 5.27 2.77 6.91
CA TRP D 46 4.94 3.08 5.54
C TRP D 46 5.57 2.04 4.58
N GLN D 47 6.89 1.82 4.71
CA GLN D 47 7.59 0.80 3.84
C GLN D 47 6.98 -0.57 4.12
N GLU D 48 6.71 -0.83 5.36
CA GLU D 48 6.20 -2.17 5.70
C GLU D 48 4.81 -2.39 5.20
N THR D 49 3.92 -1.39 5.34
CA THR D 49 2.50 -1.58 4.95
C THR D 49 2.45 -1.68 3.44
N VAL D 50 3.36 -0.99 2.72
CA VAL D 50 3.23 -1.09 1.24
C VAL D 50 3.69 -2.54 0.80
N TYR D 51 4.75 -2.97 1.46
CA TYR D 51 5.23 -4.40 1.37
C TYR D 51 4.09 -5.44 1.57
N LEU D 52 3.45 -5.43 2.75
CA LEU D 52 2.21 -6.21 3.00
C LEU D 52 1.09 -6.05 1.89
N LEU D 53 0.97 -4.90 1.23
CA LEU D 53 -0.20 -4.67 0.35
C LEU D 53 -0.13 -5.43 -0.97
N ARG D 54 1.08 -5.96 -1.26
CA ARG D 54 1.22 -6.80 -2.48
C ARG D 54 0.07 -7.78 -2.62
N SER D 55 -0.26 -8.33 -1.47
CA SER D 55 -1.18 -9.41 -1.28
C SER D 55 -2.57 -8.88 -0.87
N PRO D 56 -3.60 -9.28 -1.62
CA PRO D 56 -4.96 -8.82 -1.31
C PRO D 56 -5.51 -9.43 -0.03
N GLU D 57 -5.04 -10.64 0.29
CA GLU D 57 -5.28 -11.23 1.60
C GLU D 57 -4.78 -10.33 2.77
N ASN D 58 -3.59 -9.76 2.64
CA ASN D 58 -2.97 -9.02 3.75
C ASN D 58 -3.74 -7.72 3.82
N ALA D 59 -4.20 -7.25 2.67
CA ALA D 59 -4.89 -6.06 2.60
C ALA D 59 -6.23 -6.21 3.31
N ARG D 60 -6.85 -7.37 3.06
CA ARG D 60 -8.18 -7.62 3.68
C ARG D 60 -8.00 -7.58 5.16
N ARG D 61 -6.91 -8.21 5.67
CA ARG D 61 -6.58 -8.27 7.12
C ARG D 61 -6.27 -6.92 7.80
N LEU D 62 -5.81 -5.99 7.00
CA LEU D 62 -5.68 -4.59 7.45
C LEU D 62 -7.02 -3.90 7.56
N MET D 63 -7.93 -4.15 6.61
CA MET D 63 -9.30 -3.62 6.74
C MET D 63 -10.06 -4.29 7.93
N GLU D 64 -10.17 -5.59 7.84
CA GLU D 64 -10.81 -6.38 8.88
C GLU D 64 -9.89 -6.92 9.91
N ALA D 65 -9.41 -6.14 10.86
CA ALA D 65 -8.51 -6.64 11.92
C ALA D 65 -9.21 -7.38 13.06
N VAL D 66 -10.53 -7.23 13.12
CA VAL D 66 -11.34 -7.83 14.17
C VAL D 66 -11.83 -9.22 13.75
N SER D 74 -18.68 -11.36 26.37
CA SER D 74 -19.67 -12.45 26.37
C SER D 74 -19.39 -13.53 27.41
N ALA D 75 -20.35 -14.46 27.54
CA ALA D 75 -20.09 -15.87 27.98
C ALA D 75 -19.11 -16.51 26.98
N PHE D 76 -19.32 -16.31 25.68
CA PHE D 76 -18.30 -16.80 24.74
C PHE D 76 -16.94 -16.26 25.09
N THR D 77 -16.80 -14.92 24.99
CA THR D 77 -15.53 -14.17 25.22
C THR D 77 -15.00 -14.45 26.58
N LYS D 78 -15.91 -14.64 27.54
CA LYS D 78 -15.48 -15.11 28.83
C LYS D 78 -14.62 -16.37 28.63
N SER D 79 -15.16 -17.37 27.95
CA SER D 79 -14.52 -18.68 27.94
C SER D 79 -13.19 -18.71 27.14
N VAL D 80 -13.03 -17.78 26.19
CA VAL D 80 -11.73 -17.54 25.53
C VAL D 80 -10.64 -17.14 26.56
N ASP D 81 -10.95 -16.09 27.34
CA ASP D 81 -10.16 -15.69 28.50
C ASP D 81 -9.88 -16.82 29.45
N GLU D 82 -10.91 -17.61 29.78
CA GLU D 82 -10.69 -18.79 30.61
C GLU D 82 -9.66 -19.73 29.93
N LEU D 83 -9.89 -20.07 28.66
CA LEU D 83 -9.00 -21.09 27.98
C LEU D 83 -7.57 -20.58 27.88
N ARG D 84 -7.42 -19.34 27.42
CA ARG D 84 -6.16 -18.63 27.39
C ARG D 84 -5.33 -18.87 28.67
N GLU D 85 -5.92 -18.51 29.82
CA GLU D 85 -5.38 -18.63 31.18
C GLU D 85 -5.03 -20.09 31.55
N MET D 86 -6.03 -20.96 31.41
CA MET D 86 -5.82 -22.40 31.45
C MET D 86 -4.66 -22.84 30.51
N ALA D 87 -4.61 -22.31 29.28
CA ALA D 87 -3.56 -22.79 28.35
C ALA D 87 -2.17 -22.21 28.65
N GLY D 88 -2.13 -21.08 29.37
CA GLY D 88 -0.85 -20.41 29.68
C GLY D 88 -0.39 -20.37 31.14
N GLY D 89 -1.31 -20.71 32.06
CA GLY D 89 -0.95 -20.88 33.46
C GLY D 89 -0.01 -22.06 33.64
#